data_9AS3
#
_entry.id   9AS3
#
_cell.length_a   1.00
_cell.length_b   1.00
_cell.length_c   1.00
_cell.angle_alpha   90.00
_cell.angle_beta   90.00
_cell.angle_gamma   90.00
#
_symmetry.space_group_name_H-M   'P 1'
#
loop_
_entity.id
_entity.type
_entity.pdbx_description
1 polymer '5-hydroxytryptamine receptor 2A'
2 non-polymer (8alpha)-N,N-diethyl-6-methyl-9,10-didehydroergoline-8-carboxamide
#
_entity_poly.entity_id   1
_entity_poly.type   'polypeptide(L)'
_entity_poly.pdbx_seq_one_letter_code
;MDILCEENTSLSSTTNSLMQLNDDTRLYSNDFNSGEANTSDAFNWTVDSENRTNLSCEGCLSPSCLSLLHLQEKNWSALL
TAVVIILTIAGNILVIMAVSLEKKLQNATNYFLMSLAIADMLLGFLVMPVSMLTILYGYRWPLPSKLCAVWIYLDVLFST
ASIMHLCAISLDRYVAIQNPIHHSRFNSRTKAFLKIIAVWTISVGISMPIPVFGLQDDSKVFKEGSCLLADDNFVLIGSF
VSFFIPLTIMVITYFLTIKSLQKEATLCVSDLGTRAKLASFSFLPQSSLSSEKLFQRSIHREPGSYTGRRTMQSISNEQK
ACKVLGIVFFLFVVMWCPFFITNIMAVICKESCNEDVIGALLNVFVWIGYLSSAVNPLVYTLFNKTYRSAFSRYIQCQYK
ENKKPLQLILVNTIPALAYKSSQLQMGQKKNSKQDAKTTDNDCSMVALGKQHSEEASKDNSDGVNEKVSCV
;
_entity_poly.pdbx_strand_id   A
#
loop_
_chem_comp.id
_chem_comp.type
_chem_comp.name
_chem_comp.formula
7LD non-polymer (8alpha)-N,N-diethyl-6-methyl-9,10-didehydroergoline-8-carboxamide 'C20 H25 N3 O'
#
# COMPACT_ATOMS: atom_id res chain seq x y z
N VAL A 84 1.25 16.49 -2.42
CA VAL A 84 1.37 15.07 -2.08
C VAL A 84 1.81 14.30 -3.31
N ILE A 85 1.36 14.75 -4.50
CA ILE A 85 1.79 14.11 -5.74
C ILE A 85 3.27 14.37 -5.97
N ILE A 86 3.70 15.62 -5.85
CA ILE A 86 5.11 15.95 -6.02
C ILE A 86 5.94 15.24 -4.96
N LEU A 87 5.47 15.22 -3.72
CA LEU A 87 6.19 14.51 -2.67
C LEU A 87 6.30 13.03 -2.97
N THR A 88 5.21 12.40 -3.44
CA THR A 88 5.25 10.97 -3.76
C THR A 88 6.26 10.68 -4.86
N ILE A 89 6.16 11.42 -5.97
CA ILE A 89 7.05 11.16 -7.10
C ILE A 89 8.50 11.42 -6.71
N ALA A 90 8.78 12.55 -6.07
CA ALA A 90 10.13 12.90 -5.68
C ALA A 90 10.70 11.99 -4.60
N GLY A 91 9.86 11.38 -3.76
CA GLY A 91 10.34 10.47 -2.76
C GLY A 91 10.68 9.12 -3.33
N ASN A 92 9.85 8.62 -4.25
CA ASN A 92 10.12 7.31 -4.84
C ASN A 92 11.21 7.33 -5.90
N ILE A 93 11.31 8.38 -6.72
CA ILE A 93 12.40 8.41 -7.70
C ILE A 93 13.75 8.64 -7.05
N LEU A 94 13.80 9.00 -5.76
CA LEU A 94 15.07 9.07 -5.03
C LEU A 94 15.44 7.73 -4.38
N VAL A 95 14.49 6.82 -4.24
CA VAL A 95 14.75 5.48 -3.73
C VAL A 95 15.07 4.52 -4.85
N ILE A 96 14.53 4.77 -6.04
CA ILE A 96 14.80 3.87 -7.15
C ILE A 96 16.26 3.98 -7.61
N MET A 97 16.82 5.20 -7.61
CA MET A 97 18.22 5.32 -8.02
C MET A 97 19.18 4.77 -6.97
N ALA A 98 18.88 4.96 -5.69
CA ALA A 98 19.82 4.57 -4.64
C ALA A 98 20.09 3.08 -4.64
N VAL A 99 19.16 2.26 -5.15
CA VAL A 99 19.39 0.83 -5.32
C VAL A 99 20.00 0.57 -6.68
N LEU A 105 23.70 -0.96 -1.84
CA LEU A 105 22.38 -1.41 -1.41
C LEU A 105 21.72 -2.24 -2.51
N GLN A 106 22.26 -3.43 -2.74
CA GLN A 106 21.73 -4.39 -3.70
C GLN A 106 21.41 -5.71 -3.02
N ASN A 107 20.92 -5.60 -1.79
CA ASN A 107 20.61 -6.81 -0.98
C ASN A 107 19.31 -7.46 -1.45
N ALA A 108 19.15 -8.75 -1.17
CA ALA A 108 17.93 -9.47 -1.53
C ALA A 108 16.69 -8.89 -0.87
N THR A 109 16.85 -8.27 0.30
CA THR A 109 15.74 -7.61 0.99
C THR A 109 15.55 -6.17 0.57
N ASN A 110 16.61 -5.51 0.08
CA ASN A 110 16.46 -4.13 -0.37
C ASN A 110 15.83 -4.06 -1.75
N TYR A 111 16.02 -5.07 -2.59
CA TYR A 111 15.37 -5.06 -3.90
C TYR A 111 13.86 -5.13 -3.76
N PHE A 112 13.36 -5.81 -2.73
CA PHE A 112 11.93 -5.85 -2.50
C PHE A 112 11.37 -4.47 -2.20
N LEU A 113 12.16 -3.60 -1.58
CA LEU A 113 11.73 -2.23 -1.33
C LEU A 113 11.65 -1.40 -2.61
N MET A 114 12.39 -1.80 -3.65
CA MET A 114 12.21 -1.16 -4.96
C MET A 114 10.90 -1.57 -5.60
N SER A 115 10.48 -2.82 -5.43
CA SER A 115 9.17 -3.24 -5.92
C SER A 115 8.05 -2.54 -5.17
N LEU A 116 8.28 -2.17 -3.92
CA LEU A 116 7.30 -1.37 -3.17
C LEU A 116 7.33 0.08 -3.64
N ALA A 117 8.52 0.61 -3.94
CA ALA A 117 8.64 1.98 -4.42
C ALA A 117 8.22 2.13 -5.88
N ILE A 118 8.07 1.01 -6.62
CA ILE A 118 7.53 1.06 -7.96
C ILE A 118 6.01 0.99 -7.96
N ALA A 119 5.41 0.32 -6.98
CA ALA A 119 3.96 0.30 -6.82
C ALA A 119 3.41 1.63 -6.33
N ASP A 120 4.25 2.48 -5.75
CA ASP A 120 3.82 3.80 -5.27
C ASP A 120 4.17 4.93 -6.23
N MET A 121 5.29 4.84 -6.94
CA MET A 121 5.57 5.85 -7.95
C MET A 121 4.54 5.79 -9.07
N LEU A 122 4.15 4.59 -9.48
CA LEU A 122 3.07 4.45 -10.45
C LEU A 122 1.75 4.95 -9.88
N LEU A 123 1.50 4.67 -8.60
CA LEU A 123 0.32 5.22 -7.94
C LEU A 123 0.36 6.74 -7.91
N GLY A 124 1.55 7.32 -7.86
CA GLY A 124 1.71 8.75 -7.77
C GLY A 124 1.74 9.51 -9.08
N PHE A 125 1.67 8.82 -10.21
CA PHE A 125 1.70 9.46 -11.52
C PHE A 125 0.53 9.07 -12.41
N LEU A 126 -0.06 7.89 -12.21
CA LEU A 126 -1.20 7.44 -13.00
C LEU A 126 -2.52 7.66 -12.31
N VAL A 127 -2.65 7.22 -11.06
CA VAL A 127 -3.92 7.23 -10.35
C VAL A 127 -4.11 8.54 -9.59
N MET A 128 -3.12 8.94 -8.81
CA MET A 128 -3.25 10.09 -7.92
C MET A 128 -3.51 11.40 -8.66
N PRO A 129 -2.71 11.78 -9.66
CA PRO A 129 -2.96 13.07 -10.32
C PRO A 129 -4.28 13.14 -11.05
N VAL A 130 -4.86 12.01 -11.46
CA VAL A 130 -6.19 12.03 -12.04
C VAL A 130 -7.20 12.53 -11.01
N SER A 131 -7.08 12.07 -9.76
CA SER A 131 -7.97 12.52 -8.70
C SER A 131 -7.84 14.01 -8.42
N MET A 132 -6.67 14.60 -8.67
CA MET A 132 -6.53 16.04 -8.52
C MET A 132 -7.42 16.78 -9.52
N LEU A 133 -7.54 16.26 -10.73
CA LEU A 133 -8.45 16.85 -11.70
C LEU A 133 -9.90 16.73 -11.25
N THR A 134 -10.25 15.58 -10.66
CA THR A 134 -11.60 15.39 -10.15
C THR A 134 -11.90 16.38 -9.02
N ILE A 135 -10.92 16.62 -8.14
CA ILE A 135 -11.09 17.59 -7.08
C ILE A 135 -11.31 18.98 -7.67
N LEU A 136 -10.55 19.32 -8.72
CA LEU A 136 -10.67 20.64 -9.34
C LEU A 136 -12.06 20.83 -9.95
N TYR A 137 -12.59 19.79 -10.60
CA TYR A 137 -13.87 19.86 -11.28
C TYR A 137 -15.05 19.51 -10.38
N GLY A 138 -14.81 19.29 -9.09
CA GLY A 138 -15.91 19.09 -8.16
C GLY A 138 -16.71 17.83 -8.41
N TYR A 139 -16.02 16.69 -8.46
CA TYR A 139 -16.56 15.33 -8.54
C TYR A 139 -17.11 14.98 -9.91
N ARG A 140 -17.15 15.91 -10.87
CA ARG A 140 -17.57 15.61 -12.23
C ARG A 140 -16.41 14.98 -12.99
N TRP A 141 -16.68 13.82 -13.59
CA TRP A 141 -15.64 13.02 -14.22
C TRP A 141 -15.50 13.44 -15.68
N PRO A 142 -14.38 14.07 -16.10
CA PRO A 142 -14.19 14.20 -17.55
C PRO A 142 -14.09 12.83 -18.25
N SER A 145 -14.69 8.85 -20.84
CA SER A 145 -15.80 8.35 -20.02
C SER A 145 -15.65 6.85 -19.76
N LYS A 146 -15.06 6.15 -20.71
CA LYS A 146 -14.77 4.73 -20.57
C LYS A 146 -13.45 4.48 -19.82
N LEU A 147 -12.74 5.53 -19.43
CA LEU A 147 -11.54 5.40 -18.63
C LEU A 147 -11.83 5.40 -17.13
N CYS A 148 -13.08 5.62 -16.71
CA CYS A 148 -13.40 5.62 -15.29
C CYS A 148 -13.19 4.23 -14.68
N ALA A 149 -13.62 3.18 -15.39
CA ALA A 149 -13.39 1.83 -14.89
C ALA A 149 -11.92 1.46 -14.93
N VAL A 150 -11.17 2.02 -15.88
CA VAL A 150 -9.73 1.76 -15.96
C VAL A 150 -9.02 2.46 -14.80
N TRP A 151 -9.43 3.68 -14.47
CA TRP A 151 -8.77 4.41 -13.40
C TRP A 151 -8.96 3.73 -12.06
N ILE A 152 -10.15 3.19 -11.81
CA ILE A 152 -10.40 2.48 -10.57
C ILE A 152 -9.58 1.19 -10.53
N TYR A 153 -9.40 0.54 -11.69
CA TYR A 153 -8.61 -0.68 -11.76
C TYR A 153 -7.18 -0.41 -11.30
N LEU A 154 -6.56 0.66 -11.80
CA LEU A 154 -5.21 1.01 -11.39
C LEU A 154 -5.17 1.40 -9.92
N ASP A 155 -6.19 2.12 -9.45
CA ASP A 155 -6.22 2.57 -8.06
C ASP A 155 -6.28 1.38 -7.10
N VAL A 156 -7.12 0.40 -7.42
CA VAL A 156 -7.21 -0.79 -6.57
C VAL A 156 -5.96 -1.66 -6.73
N LEU A 157 -5.40 -1.69 -7.94
CA LEU A 157 -4.23 -2.54 -8.18
C LEU A 157 -3.02 -2.05 -7.41
N PHE A 158 -2.69 -0.76 -7.53
CA PHE A 158 -1.51 -0.23 -6.87
C PHE A 158 -1.73 -0.07 -5.37
N SER A 159 -2.98 0.14 -4.93
CA SER A 159 -3.24 0.22 -3.50
C SER A 159 -3.12 -1.14 -2.83
N THR A 160 -3.60 -2.21 -3.48
CA THR A 160 -3.44 -3.55 -2.92
C THR A 160 -2.02 -4.06 -3.10
N ALA A 161 -1.33 -3.63 -4.16
CA ALA A 161 0.07 -4.01 -4.32
C ALA A 161 0.92 -3.38 -3.23
N SER A 162 0.57 -2.18 -2.78
CA SER A 162 1.33 -1.54 -1.70
C SER A 162 1.06 -2.20 -0.36
N ILE A 163 -0.21 -2.49 -0.06
CA ILE A 163 -0.56 -3.01 1.26
C ILE A 163 0.09 -4.36 1.50
N MET A 164 0.07 -5.24 0.51
CA MET A 164 0.68 -6.56 0.67
C MET A 164 2.19 -6.53 0.52
N HIS A 165 2.78 -5.47 -0.03
CA HIS A 165 4.21 -5.29 0.09
C HIS A 165 4.62 -5.11 1.54
N LEU A 166 3.85 -4.31 2.28
CA LEU A 166 4.14 -4.11 3.69
C LEU A 166 3.84 -5.35 4.52
N CYS A 167 2.79 -6.10 4.15
CA CYS A 167 2.50 -7.34 4.85
C CYS A 167 3.60 -8.36 4.64
N ALA A 168 4.10 -8.48 3.41
CA ALA A 168 5.21 -9.40 3.15
C ALA A 168 6.47 -8.96 3.88
N ILE A 169 6.74 -7.66 3.93
CA ILE A 169 7.87 -7.16 4.69
C ILE A 169 7.71 -7.51 6.16
N SER A 170 6.51 -7.27 6.71
CA SER A 170 6.27 -7.56 8.13
C SER A 170 6.41 -9.03 8.44
N LEU A 171 5.84 -9.90 7.59
CA LEU A 171 5.97 -11.34 7.82
C LEU A 171 7.41 -11.81 7.65
N ASP A 172 8.11 -11.29 6.64
CA ASP A 172 9.52 -11.63 6.49
C ASP A 172 10.35 -11.13 7.65
N ARG A 173 10.04 -9.93 8.15
CA ARG A 173 10.80 -9.36 9.25
C ARG A 173 10.60 -10.14 10.55
N TYR A 174 9.49 -10.86 10.71
CA TYR A 174 9.29 -11.65 11.91
C TYR A 174 10.13 -12.92 11.89
N VAL A 175 10.17 -13.61 10.76
CA VAL A 175 10.96 -14.84 10.68
C VAL A 175 12.45 -14.52 10.80
N ALA A 176 12.87 -13.38 10.28
CA ALA A 176 14.25 -12.95 10.42
C ALA A 176 14.62 -12.55 11.84
N ILE A 177 13.64 -12.40 12.73
CA ILE A 177 13.87 -12.00 14.11
C ILE A 177 13.60 -13.15 15.08
N GLN A 178 12.66 -14.04 14.75
CA GLN A 178 12.36 -15.16 15.63
C GLN A 178 13.48 -16.18 15.62
N ASN A 179 13.78 -16.73 14.46
CA ASN A 179 14.77 -17.80 14.30
C ASN A 179 15.72 -17.38 13.18
N PRO A 180 16.66 -16.46 13.45
CA PRO A 180 17.53 -15.97 12.37
C PRO A 180 18.43 -17.03 11.76
N ILE A 181 18.75 -18.10 12.49
CA ILE A 181 19.64 -19.12 11.92
C ILE A 181 18.96 -19.83 10.77
N HIS A 182 17.72 -20.29 10.97
CA HIS A 182 17.01 -21.03 9.93
C HIS A 182 16.50 -20.14 8.82
N HIS A 183 16.51 -18.81 9.00
CA HIS A 183 16.11 -17.90 7.94
C HIS A 183 17.26 -17.61 6.98
N SER A 184 18.49 -17.52 7.47
CA SER A 184 19.62 -17.29 6.60
C SER A 184 19.95 -18.49 5.73
N ARG A 185 19.74 -19.71 6.23
CA ARG A 185 20.02 -20.88 5.42
C ARG A 185 19.11 -20.95 4.21
N PHE A 186 17.82 -20.67 4.38
CA PHE A 186 16.83 -20.73 3.30
C PHE A 186 16.60 -19.32 2.74
N ASN A 187 17.65 -18.77 2.15
CA ASN A 187 17.56 -17.50 1.43
C ASN A 187 18.72 -17.45 0.44
N SER A 188 18.39 -17.79 -0.82
CA SER A 188 19.38 -17.87 -1.92
C SER A 188 19.05 -16.86 -3.03
N ARG A 189 18.47 -15.72 -2.67
CA ARG A 189 18.08 -14.68 -3.62
C ARG A 189 16.98 -15.12 -4.57
N THR A 190 16.40 -16.31 -4.37
CA THR A 190 15.22 -16.75 -5.10
C THR A 190 13.93 -16.50 -4.35
N LYS A 191 13.99 -16.42 -3.02
CA LYS A 191 12.82 -16.05 -2.24
C LYS A 191 12.37 -14.64 -2.58
N ALA A 192 13.33 -13.72 -2.69
CA ALA A 192 12.97 -12.33 -2.98
C ALA A 192 12.27 -12.21 -4.32
N PHE A 193 12.70 -12.98 -5.32
CA PHE A 193 11.99 -13.02 -6.59
C PHE A 193 10.70 -13.82 -6.47
N LEU A 194 10.66 -14.82 -5.61
CA LEU A 194 9.41 -15.53 -5.35
C LEU A 194 8.46 -14.69 -4.50
N LYS A 195 8.98 -13.75 -3.72
CA LYS A 195 8.13 -12.86 -2.94
C LYS A 195 7.50 -11.77 -3.80
N ILE A 196 8.25 -11.21 -4.74
CA ILE A 196 7.70 -10.21 -5.64
C ILE A 196 6.58 -10.83 -6.49
N ILE A 197 6.71 -12.12 -6.81
CA ILE A 197 5.65 -12.79 -7.55
C ILE A 197 4.39 -12.87 -6.71
N ALA A 198 4.53 -13.22 -5.42
CA ALA A 198 3.35 -13.46 -4.59
C ALA A 198 2.59 -12.17 -4.31
N VAL A 199 3.29 -11.07 -4.02
CA VAL A 199 2.59 -9.82 -3.70
C VAL A 199 2.05 -9.11 -4.93
N TRP A 200 2.42 -9.54 -6.14
CA TRP A 200 1.87 -9.00 -7.37
C TRP A 200 0.87 -9.94 -8.04
N THR A 201 0.87 -11.23 -7.68
CA THR A 201 -0.17 -12.13 -8.14
C THR A 201 -1.48 -11.87 -7.41
N ILE A 202 -1.41 -11.61 -6.10
CA ILE A 202 -2.62 -11.36 -5.33
C ILE A 202 -3.13 -9.94 -5.59
N SER A 203 -2.21 -9.01 -5.80
CA SER A 203 -2.62 -7.62 -6.10
C SER A 203 -3.39 -7.59 -7.44
N VAL A 204 -2.87 -8.28 -8.45
CA VAL A 204 -3.51 -8.32 -9.76
C VAL A 204 -4.67 -9.31 -9.83
N GLY A 205 -4.73 -10.28 -8.91
CA GLY A 205 -5.84 -11.20 -8.87
C GLY A 205 -7.07 -10.70 -8.13
N ILE A 206 -6.90 -9.75 -7.22
CA ILE A 206 -8.03 -9.20 -6.46
C ILE A 206 -8.70 -8.07 -7.21
N SER A 207 -7.95 -7.33 -8.02
CA SER A 207 -8.47 -6.22 -8.81
C SER A 207 -8.82 -6.63 -10.24
N MET A 208 -8.74 -7.91 -10.58
CA MET A 208 -9.14 -8.43 -11.88
C MET A 208 -10.65 -8.45 -12.12
N PRO A 209 -11.50 -8.57 -11.10
CA PRO A 209 -12.95 -8.40 -11.33
C PRO A 209 -13.35 -7.02 -11.84
N ILE A 210 -12.54 -5.99 -11.66
CA ILE A 210 -12.99 -4.62 -11.96
C ILE A 210 -13.17 -4.44 -13.46
N PRO A 211 -12.20 -4.70 -14.33
CA PRO A 211 -12.41 -4.49 -15.76
C PRO A 211 -12.96 -5.68 -16.54
N VAL A 212 -12.99 -6.88 -15.96
CA VAL A 212 -13.57 -8.05 -16.64
C VAL A 212 -15.06 -8.18 -16.39
N PHE A 213 -15.56 -7.70 -15.25
CA PHE A 213 -16.99 -7.66 -14.96
C PHE A 213 -17.23 -6.33 -14.24
N GLY A 214 -17.58 -5.31 -15.02
CA GLY A 214 -17.66 -3.96 -14.52
C GLY A 214 -17.23 -2.94 -15.55
N LEU A 215 -16.46 -3.38 -16.55
CA LEU A 215 -16.22 -2.58 -17.74
C LEU A 215 -17.32 -2.75 -18.77
N GLN A 216 -17.97 -3.91 -18.82
CA GLN A 216 -19.12 -4.08 -19.69
C GLN A 216 -20.34 -3.37 -19.12
N ASP A 217 -20.54 -3.46 -17.82
CA ASP A 217 -21.62 -2.76 -17.13
C ASP A 217 -21.14 -1.39 -16.71
N ASP A 218 -21.82 -0.34 -17.16
CA ASP A 218 -21.48 1.03 -16.86
C ASP A 218 -22.16 1.54 -15.60
N SER A 219 -22.62 0.64 -14.72
CA SER A 219 -23.25 1.04 -13.47
C SER A 219 -22.88 0.17 -12.28
N LYS A 220 -22.10 -0.90 -12.47
CA LYS A 220 -21.78 -1.80 -11.37
C LYS A 220 -20.50 -1.35 -10.67
N VAL A 221 -19.38 -1.37 -11.38
CA VAL A 221 -18.18 -0.66 -10.98
C VAL A 221 -18.09 0.56 -11.87
N PHE A 222 -18.76 1.64 -11.48
CA PHE A 222 -18.91 2.76 -12.40
C PHE A 222 -19.52 3.98 -11.74
N LYS A 223 -19.85 4.98 -12.56
CA LYS A 223 -20.21 6.27 -12.03
C LYS A 223 -21.61 6.27 -11.44
N GLU A 224 -21.75 6.97 -10.31
CA GLU A 224 -23.02 7.52 -9.85
C GLU A 224 -23.17 8.97 -10.31
N GLY A 225 -22.57 9.31 -11.44
CA GLY A 225 -22.26 10.68 -11.79
C GLY A 225 -20.90 11.16 -11.33
N SER A 226 -20.13 10.31 -10.62
CA SER A 226 -18.88 10.72 -9.99
C SER A 226 -17.76 9.69 -10.11
N CYS A 227 -17.96 8.58 -10.82
CA CYS A 227 -16.97 7.53 -10.98
C CYS A 227 -16.55 6.95 -9.63
N LEU A 228 -17.49 6.33 -8.93
CA LEU A 228 -17.23 5.63 -7.67
C LEU A 228 -17.24 4.12 -7.94
N LEU A 229 -17.01 3.35 -6.88
CA LEU A 229 -17.05 1.89 -6.92
C LEU A 229 -18.36 1.44 -6.28
N ALA A 230 -19.39 1.29 -7.10
CA ALA A 230 -20.76 1.08 -6.62
C ALA A 230 -21.11 -0.40 -6.42
N ASP A 231 -20.17 -1.32 -6.65
CA ASP A 231 -20.41 -2.73 -6.37
C ASP A 231 -20.43 -2.92 -4.85
N ASP A 232 -21.62 -3.15 -4.29
CA ASP A 232 -21.78 -3.18 -2.84
C ASP A 232 -21.38 -4.51 -2.23
N ASN A 233 -21.25 -5.58 -3.03
CA ASN A 233 -20.83 -6.89 -2.53
C ASN A 233 -19.37 -7.19 -2.80
N PHE A 234 -18.76 -6.57 -3.81
CA PHE A 234 -17.33 -6.67 -4.01
C PHE A 234 -16.55 -5.79 -3.05
N VAL A 235 -17.12 -4.64 -2.66
CA VAL A 235 -16.45 -3.77 -1.69
C VAL A 235 -16.34 -4.48 -0.34
N LEU A 236 -17.40 -5.18 0.06
CA LEU A 236 -17.40 -5.84 1.37
C LEU A 236 -16.35 -6.94 1.43
N ILE A 237 -16.29 -7.79 0.40
CA ILE A 237 -15.37 -8.93 0.39
C ILE A 237 -14.06 -8.61 -0.33
N GLY A 238 -14.03 -7.64 -1.22
CA GLY A 238 -12.82 -7.27 -1.92
C GLY A 238 -11.93 -6.35 -1.12
N SER A 239 -12.51 -5.61 -0.17
CA SER A 239 -11.77 -4.84 0.81
C SER A 239 -11.54 -5.60 2.10
N PHE A 240 -12.12 -6.80 2.23
CA PHE A 240 -11.85 -7.65 3.38
C PHE A 240 -10.54 -8.43 3.23
N VAL A 241 -10.33 -9.04 2.06
CA VAL A 241 -9.09 -9.76 1.81
C VAL A 241 -7.94 -8.84 1.40
N SER A 242 -8.22 -7.58 1.09
CA SER A 242 -7.19 -6.63 0.67
C SER A 242 -6.63 -5.80 1.81
N PHE A 243 -7.41 -5.54 2.86
CA PHE A 243 -6.95 -4.80 4.02
C PHE A 243 -7.05 -5.58 5.32
N PHE A 244 -8.22 -6.17 5.62
CA PHE A 244 -8.42 -6.71 6.96
C PHE A 244 -7.69 -8.03 7.17
N ILE A 245 -7.46 -8.81 6.13
CA ILE A 245 -6.66 -10.02 6.25
C ILE A 245 -5.18 -9.63 6.33
N PRO A 246 -4.69 -8.69 5.52
CA PRO A 246 -3.35 -8.13 5.80
C PRO A 246 -3.26 -7.37 7.11
N LEU A 247 -4.36 -6.95 7.71
CA LEU A 247 -4.32 -6.29 9.02
C LEU A 247 -4.30 -7.28 10.18
N THR A 248 -5.12 -8.33 10.15
CA THR A 248 -5.01 -9.33 11.20
C THR A 248 -3.69 -10.10 11.11
N ILE A 249 -3.11 -10.20 9.92
CA ILE A 249 -1.78 -10.79 9.77
C ILE A 249 -0.73 -9.88 10.38
N MET A 250 -0.90 -8.56 10.21
CA MET A 250 0.08 -7.61 10.75
C MET A 250 -0.05 -7.47 12.26
N VAL A 251 -1.26 -7.60 12.80
CA VAL A 251 -1.42 -7.50 14.24
C VAL A 251 -0.72 -8.65 14.95
N ILE A 252 -0.89 -9.88 14.45
CA ILE A 252 -0.24 -11.02 15.06
C ILE A 252 1.26 -10.97 14.80
N THR A 253 1.66 -10.56 13.60
CA THR A 253 3.08 -10.46 13.29
C THR A 253 3.75 -9.39 14.15
N TYR A 254 3.10 -8.26 14.36
CA TYR A 254 3.68 -7.22 15.20
C TYR A 254 3.70 -7.63 16.66
N PHE A 255 2.61 -8.23 17.15
CA PHE A 255 2.58 -8.69 18.54
C PHE A 255 3.63 -9.77 18.78
N LEU A 256 3.79 -10.69 17.84
CA LEU A 256 4.78 -11.75 18.00
C LEU A 256 6.20 -11.24 17.86
N THR A 257 6.46 -10.29 16.97
CA THR A 257 7.81 -9.77 16.79
C THR A 257 8.27 -9.01 18.03
N ILE A 258 7.42 -8.16 18.58
CA ILE A 258 7.77 -7.43 19.80
C ILE A 258 7.90 -8.40 20.97
N LYS A 259 7.07 -9.44 21.00
CA LYS A 259 7.19 -10.45 22.04
C LYS A 259 8.54 -11.16 21.96
N SER A 260 9.02 -11.40 20.74
CA SER A 260 10.28 -12.12 20.56
C SER A 260 11.51 -11.22 20.58
N LEU A 261 11.33 -9.90 20.51
CA LEU A 261 12.44 -8.97 20.67
C LEU A 261 12.70 -8.57 22.12
N GLN A 262 11.89 -9.07 23.05
CA GLN A 262 12.08 -8.78 24.48
C GLN A 262 12.15 -10.08 25.27
N ILE A 315 21.57 -4.00 25.09
CA ILE A 315 20.52 -4.49 24.21
C ILE A 315 19.73 -3.32 23.64
N SER A 316 20.43 -2.21 23.35
CA SER A 316 19.75 -1.01 22.82
C SER A 316 19.31 -1.24 21.37
N ASN A 317 20.12 -1.97 20.58
CA ASN A 317 19.75 -2.18 19.19
C ASN A 317 18.42 -2.91 19.06
N GLU A 318 18.15 -3.84 19.97
CA GLU A 318 16.83 -4.46 20.00
C GLU A 318 15.75 -3.45 20.37
N GLN A 319 16.08 -2.49 21.23
CA GLN A 319 15.12 -1.44 21.57
C GLN A 319 14.96 -0.41 20.47
N LYS A 320 16.04 -0.10 19.74
CA LYS A 320 15.91 0.78 18.59
C LYS A 320 15.05 0.15 17.51
N ALA A 321 15.20 -1.15 17.28
CA ALA A 321 14.36 -1.83 16.31
C ALA A 321 12.90 -1.86 16.75
N CYS A 322 12.65 -2.06 18.04
CA CYS A 322 11.28 -2.08 18.55
C CYS A 322 10.58 -0.74 18.31
N LYS A 323 11.33 0.36 18.32
CA LYS A 323 10.74 1.66 18.04
C LYS A 323 10.48 1.86 16.55
N VAL A 324 11.28 1.24 15.69
CA VAL A 324 11.04 1.35 14.25
C VAL A 324 9.79 0.57 13.86
N LEU A 325 9.60 -0.62 14.45
CA LEU A 325 8.39 -1.38 14.17
C LEU A 325 7.14 -0.63 14.62
N GLY A 326 7.20 0.02 15.77
CA GLY A 326 6.04 0.77 16.25
C GLY A 326 5.65 1.90 15.32
N ILE A 327 6.63 2.66 14.84
CA ILE A 327 6.33 3.76 13.93
C ILE A 327 5.78 3.22 12.61
N VAL A 328 6.38 2.15 12.10
CA VAL A 328 5.91 1.58 10.84
C VAL A 328 4.50 1.03 11.00
N PHE A 329 4.23 0.30 12.07
CA PHE A 329 2.90 -0.25 12.27
C PHE A 329 1.88 0.83 12.58
N PHE A 330 2.25 1.85 13.35
CA PHE A 330 1.30 2.91 13.67
C PHE A 330 0.93 3.72 12.44
N LEU A 331 1.88 3.99 11.55
CA LEU A 331 1.58 4.82 10.39
C LEU A 331 0.72 4.09 9.38
N PHE A 332 0.94 2.79 9.17
CA PHE A 332 0.11 2.03 8.25
C PHE A 332 -1.33 1.98 8.73
N VAL A 333 -1.54 1.79 10.03
CA VAL A 333 -2.90 1.74 10.56
C VAL A 333 -3.55 3.11 10.47
N VAL A 334 -2.85 4.16 10.90
CA VAL A 334 -3.48 5.48 10.99
C VAL A 334 -3.74 6.12 9.64
N MET A 335 -3.09 5.65 8.57
CA MET A 335 -3.23 6.27 7.25
C MET A 335 -4.06 5.45 6.27
N TRP A 336 -4.27 4.17 6.51
CA TRP A 336 -5.11 3.33 5.66
C TRP A 336 -6.39 2.88 6.34
N CYS A 337 -6.34 2.56 7.63
CA CYS A 337 -7.53 2.13 8.36
C CYS A 337 -8.65 3.16 8.33
N PRO A 338 -8.39 4.47 8.50
CA PRO A 338 -9.51 5.42 8.46
C PRO A 338 -10.33 5.37 7.18
N PHE A 339 -9.70 5.17 6.03
CA PHE A 339 -10.45 5.06 4.80
C PHE A 339 -11.29 3.78 4.75
N PHE A 340 -10.74 2.67 5.23
CA PHE A 340 -11.39 1.38 5.07
C PHE A 340 -12.55 1.15 6.04
N ILE A 341 -12.53 1.78 7.23
CA ILE A 341 -13.72 1.70 8.08
C ILE A 341 -14.84 2.54 7.49
N THR A 342 -14.51 3.72 6.96
CA THR A 342 -15.52 4.56 6.33
C THR A 342 -16.04 3.93 5.05
N ASN A 343 -15.18 3.25 4.30
CA ASN A 343 -15.60 2.62 3.04
C ASN A 343 -16.63 1.55 3.29
N ILE A 344 -16.45 0.73 4.33
CA ILE A 344 -17.31 -0.41 4.59
C ILE A 344 -18.49 -0.08 5.51
N MET A 345 -18.33 0.86 6.44
CA MET A 345 -19.47 1.27 7.26
C MET A 345 -20.53 1.96 6.43
N ALA A 346 -20.13 2.72 5.40
CA ALA A 346 -21.11 3.37 4.53
C ALA A 346 -21.96 2.34 3.81
N VAL A 347 -21.37 1.22 3.40
CA VAL A 347 -22.11 0.18 2.71
C VAL A 347 -21.36 -1.14 2.80
N ASN A 354 -26.03 10.71 7.18
CA ASN A 354 -26.06 11.75 6.17
C ASN A 354 -25.03 11.49 5.08
N GLU A 355 -25.48 11.51 3.83
CA GLU A 355 -24.57 11.25 2.72
C GLU A 355 -23.52 12.33 2.57
N ASP A 356 -23.90 13.60 2.78
CA ASP A 356 -22.95 14.69 2.60
C ASP A 356 -21.78 14.60 3.57
N VAL A 357 -22.04 14.21 4.82
CA VAL A 357 -20.97 14.07 5.79
C VAL A 357 -20.05 12.93 5.40
N ILE A 358 -20.62 11.77 5.08
CA ILE A 358 -19.81 10.62 4.68
C ILE A 358 -19.12 10.88 3.35
N GLY A 359 -19.77 11.61 2.43
CA GLY A 359 -19.11 11.97 1.18
C GLY A 359 -17.90 12.85 1.39
N ALA A 360 -17.95 13.74 2.38
CA ALA A 360 -16.78 14.54 2.71
C ALA A 360 -15.73 13.71 3.44
N LEU A 361 -16.14 12.79 4.31
CA LEU A 361 -15.18 11.97 5.04
C LEU A 361 -14.39 11.07 4.10
N LEU A 362 -15.08 10.41 3.16
CA LEU A 362 -14.38 9.54 2.22
C LEU A 362 -13.48 10.33 1.27
N ASN A 363 -13.77 11.61 1.05
CA ASN A 363 -12.95 12.40 0.16
C ASN A 363 -11.59 12.68 0.78
N VAL A 364 -11.56 13.10 2.05
CA VAL A 364 -10.28 13.41 2.69
C VAL A 364 -9.52 12.13 3.02
N PHE A 365 -10.21 11.09 3.49
CA PHE A 365 -9.52 9.87 3.88
C PHE A 365 -8.86 9.18 2.71
N VAL A 366 -9.38 9.38 1.49
CA VAL A 366 -8.73 8.81 0.31
C VAL A 366 -7.34 9.41 0.15
N TRP A 367 -7.23 10.73 0.30
CA TRP A 367 -5.94 11.39 0.15
C TRP A 367 -5.00 11.12 1.31
N ILE A 368 -5.53 10.75 2.48
CA ILE A 368 -4.67 10.28 3.56
C ILE A 368 -4.07 8.93 3.21
N GLY A 369 -4.85 8.08 2.54
CA GLY A 369 -4.29 6.82 2.06
C GLY A 369 -3.24 7.01 1.01
N TYR A 370 -3.47 7.96 0.09
CA TYR A 370 -2.46 8.26 -0.96
C TYR A 370 -1.20 8.80 -0.30
N LEU A 371 -1.35 9.64 0.73
CA LEU A 371 -0.20 10.25 1.37
C LEU A 371 0.74 9.21 1.98
N SER A 372 0.22 8.02 2.33
CA SER A 372 1.08 6.95 2.81
C SER A 372 2.01 6.42 1.74
N SER A 373 1.71 6.65 0.45
CA SER A 373 2.62 6.28 -0.61
C SER A 373 3.79 7.25 -0.74
N ALA A 374 3.67 8.46 -0.19
CA ALA A 374 4.80 9.37 -0.09
C ALA A 374 5.68 9.08 1.12
N VAL A 375 5.11 8.46 2.16
CA VAL A 375 5.85 8.22 3.39
C VAL A 375 6.57 6.87 3.35
N ASN A 376 6.02 5.90 2.60
CA ASN A 376 6.56 4.55 2.59
C ASN A 376 8.02 4.51 2.13
N PRO A 377 8.41 5.30 1.12
CA PRO A 377 9.84 5.42 0.81
C PRO A 377 10.71 5.83 1.98
N LEU A 378 10.21 6.71 2.84
CA LEU A 378 11.02 7.33 3.88
C LEU A 378 11.17 6.44 5.12
N VAL A 379 10.05 6.01 5.71
CA VAL A 379 10.12 5.27 6.96
C VAL A 379 10.74 3.90 6.79
N TYR A 380 10.67 3.32 5.58
CA TYR A 380 11.25 2.00 5.35
C TYR A 380 12.71 2.04 4.90
N THR A 381 13.22 3.21 4.52
CA THR A 381 14.59 3.35 4.02
C THR A 381 15.44 4.31 4.82
N LEU A 382 14.91 5.48 5.18
CA LEU A 382 15.73 6.57 5.68
C LEU A 382 16.31 6.31 7.06
N PHE A 383 15.87 5.27 7.76
CA PHE A 383 16.52 4.90 9.02
C PHE A 383 17.93 4.35 8.82
N ASN A 384 18.28 4.03 7.57
CA ASN A 384 19.62 3.48 7.26
C ASN A 384 20.62 4.62 7.03
N LYS A 385 21.80 4.57 7.66
CA LYS A 385 22.80 5.61 7.45
C LYS A 385 23.14 5.75 5.97
N THR A 386 23.19 4.63 5.25
CA THR A 386 23.56 4.68 3.83
C THR A 386 22.54 5.45 3.01
N TYR A 387 21.24 5.23 3.28
CA TYR A 387 20.21 5.90 2.50
C TYR A 387 20.23 7.41 2.74
N ARG A 388 20.48 7.84 3.97
CA ARG A 388 20.56 9.26 4.27
C ARG A 388 21.68 9.92 3.48
N SER A 389 22.84 9.28 3.42
CA SER A 389 23.93 9.78 2.59
C SER A 389 23.57 9.76 1.11
N ALA A 390 22.91 8.69 0.67
CA ALA A 390 22.56 8.57 -0.75
C ALA A 390 21.60 9.67 -1.18
N PHE A 391 20.62 10.01 -0.35
CA PHE A 391 19.69 11.08 -0.69
C PHE A 391 20.41 12.42 -0.80
N SER A 392 21.34 12.69 0.11
CA SER A 392 22.04 13.97 0.09
C SER A 392 22.86 14.12 -1.20
N ARG A 393 23.55 13.06 -1.60
CA ARG A 393 24.36 13.09 -2.82
C ARG A 393 23.47 12.98 -4.05
N1 7LD B . -8.69 -2.10 -1.98
N3 7LD B . -11.67 6.05 -5.54
C4 7LD B . -11.16 -2.22 -2.44
C5 7LD B . -12.22 -1.41 -2.88
C6 7LD B . -10.77 0.51 -3.12
C7 7LD B . -8.36 0.01 -2.51
C8 7LD B . -7.74 -1.13 -2.06
C10 7LD B . -11.07 2.65 -4.28
C13 7LD B . -9.74 4.56 -3.48
C15 7LD B . -7.86 1.37 -2.80
C17 7LD B . -12.76 6.99 -5.79
C20 7LD B . -10.38 5.79 -7.55
N2 7LD B . -8.58 3.69 -3.34
C12 7LD B . -7.58 4.32 -2.49
C11 7LD B . -9.04 2.40 -2.82
C3 7LD B . -9.72 -0.30 -2.69
C1 7LD B . -9.91 -1.62 -2.36
C2 7LD B . -12.02 -0.07 -3.22
C9 7LD B . -10.36 1.88 -3.45
C14 7LD B . -10.63 4.03 -4.61
C16 7LD B . -11.83 4.91 -4.77
O1 7LD B . -12.88 4.59 -4.23
C19 7LD B . -10.44 6.45 -6.19
C18 7LD B . -12.67 8.11 -4.79
#